data_1ZEC
#
_entry.id   1ZEC
#
_cell.length_a   1.000
_cell.length_b   1.000
_cell.length_c   1.000
_cell.angle_alpha   90.00
_cell.angle_beta   90.00
_cell.angle_gamma   90.00
#
_symmetry.space_group_name_H-M   'P 1'
#
_entity_poly.entity_id   1
_entity_poly.type   'polypeptide(L)'
_entity_poly.pdbx_seq_one_letter_code
;(ACE)GGKWSKSSVIGWPAVRERMRRAEPA(NH2)
;
_entity_poly.pdbx_strand_id   A
#
# COMPACT_ATOMS: atom_id res chain seq x y z
N GLY A 2 -9.33 2.67 -10.50
CA GLY A 2 -8.96 4.08 -10.18
C GLY A 2 -7.93 4.63 -11.18
N GLY A 3 -8.14 4.32 -12.44
CA GLY A 3 -7.21 4.81 -13.50
C GLY A 3 -6.02 3.86 -13.72
N LYS A 4 -5.79 3.51 -14.94
CA LYS A 4 -4.66 2.59 -15.29
C LYS A 4 -3.33 3.36 -15.32
N TRP A 5 -3.10 4.11 -14.28
CA TRP A 5 -1.85 4.94 -14.16
C TRP A 5 -1.19 4.57 -12.84
N SER A 6 -1.72 5.08 -11.76
CA SER A 6 -1.16 4.78 -10.42
C SER A 6 -1.32 3.31 -10.01
N LYS A 7 -1.91 2.56 -10.92
CA LYS A 7 -2.20 1.11 -10.76
C LYS A 7 -1.13 0.41 -9.88
N SER A 8 0.06 0.38 -10.38
CA SER A 8 1.19 -0.27 -9.63
C SER A 8 1.31 0.22 -8.18
N SER A 9 1.12 1.50 -8.00
CA SER A 9 1.23 2.07 -6.63
C SER A 9 0.09 1.56 -5.79
N VAL A 10 -1.02 1.57 -6.44
CA VAL A 10 -2.29 1.10 -5.81
C VAL A 10 -2.13 -0.36 -5.37
N ILE A 11 -1.30 -1.05 -6.09
CA ILE A 11 -1.02 -2.49 -5.79
C ILE A 11 0.14 -2.68 -4.80
N GLY A 12 0.98 -1.70 -4.66
CA GLY A 12 2.11 -1.88 -3.69
C GLY A 12 1.71 -1.34 -2.33
N TRP A 13 0.94 -0.28 -2.35
CA TRP A 13 0.46 0.40 -1.10
C TRP A 13 -0.16 -0.64 -0.18
N PRO A 14 -1.14 -1.39 -0.62
CA PRO A 14 -1.70 -2.52 0.15
C PRO A 14 -0.55 -3.28 0.83
N ALA A 15 0.54 -3.45 0.15
CA ALA A 15 1.68 -4.20 0.79
C ALA A 15 2.37 -3.27 1.81
N VAL A 16 2.44 -2.00 1.49
CA VAL A 16 3.09 -1.01 2.41
C VAL A 16 2.25 -0.94 3.68
N ARG A 17 0.97 -0.73 3.52
CA ARG A 17 0.06 -0.65 4.70
C ARG A 17 0.15 -1.95 5.44
N GLU A 18 0.04 -2.99 4.68
CA GLU A 18 0.11 -4.32 5.33
C GLU A 18 1.49 -4.60 5.94
N ARG A 19 2.44 -3.71 5.74
CA ARG A 19 3.81 -3.93 6.31
C ARG A 19 3.79 -3.04 7.55
N MET A 20 3.52 -1.78 7.31
CA MET A 20 3.46 -0.80 8.42
C MET A 20 2.53 -1.19 9.55
N ARG A 21 1.40 -1.74 9.18
CA ARG A 21 0.38 -2.17 10.20
C ARG A 21 1.21 -2.96 11.22
N ARG A 22 1.78 -4.03 10.73
CA ARG A 22 2.64 -4.90 11.60
C ARG A 22 3.55 -4.07 12.56
N ALA A 23 4.45 -3.31 11.99
CA ALA A 23 5.39 -2.44 12.76
C ALA A 23 4.71 -1.62 13.86
N GLU A 24 3.61 -1.01 13.51
CA GLU A 24 2.85 -0.18 14.48
C GLU A 24 1.31 -0.18 14.31
N PRO A 25 0.69 -1.27 14.70
CA PRO A 25 -0.75 -1.58 14.41
C PRO A 25 -1.74 -0.75 15.26
N ALA A 26 -1.28 0.40 15.69
CA ALA A 26 -2.12 1.31 16.52
C ALA A 26 -3.09 2.07 15.62
N GLY A 2 -7.76 0.67 -14.77
CA GLY A 2 -7.79 1.86 -13.86
C GLY A 2 -7.17 3.08 -14.55
N GLY A 3 -5.88 3.24 -14.40
CA GLY A 3 -5.18 4.40 -15.04
C GLY A 3 -3.69 4.11 -15.12
N LYS A 4 -3.02 4.71 -16.08
CA LYS A 4 -1.55 4.52 -16.29
C LYS A 4 -0.65 5.13 -15.19
N TRP A 5 -1.00 4.91 -13.96
CA TRP A 5 -0.20 5.46 -12.83
C TRP A 5 -0.62 4.61 -11.63
N SER A 6 -1.85 4.79 -11.23
CA SER A 6 -2.40 4.02 -10.07
C SER A 6 -2.66 2.56 -10.47
N LYS A 7 -1.86 2.04 -11.37
CA LYS A 7 -1.98 0.62 -11.85
C LYS A 7 -0.93 -0.22 -11.14
N SER A 8 0.21 0.38 -10.93
CA SER A 8 1.34 -0.32 -10.25
C SER A 8 1.35 -0.04 -8.75
N SER A 9 1.78 1.13 -8.38
CA SER A 9 1.82 1.50 -6.93
C SER A 9 0.54 1.24 -6.14
N VAL A 10 -0.54 1.12 -6.85
CA VAL A 10 -1.84 0.86 -6.16
C VAL A 10 -1.77 -0.52 -5.48
N ILE A 11 -0.93 -1.32 -6.05
CA ILE A 11 -0.68 -2.72 -5.58
C ILE A 11 0.34 -2.66 -4.43
N GLY A 12 0.96 -1.52 -4.29
CA GLY A 12 1.96 -1.34 -3.20
C GLY A 12 1.35 -0.71 -1.97
N TRP A 13 0.32 0.08 -2.14
CA TRP A 13 -0.29 0.70 -0.90
C TRP A 13 -0.71 -0.40 0.04
N PRO A 14 -1.55 -1.30 -0.42
CA PRO A 14 -1.90 -2.55 0.31
C PRO A 14 -0.64 -3.08 0.98
N ALA A 15 0.42 -3.25 0.21
CA ALA A 15 1.69 -3.77 0.82
C ALA A 15 2.18 -2.91 1.98
N VAL A 16 2.06 -1.64 1.74
CA VAL A 16 2.47 -0.59 2.71
C VAL A 16 1.60 -0.69 3.96
N ARG A 17 0.31 -0.73 3.81
CA ARG A 17 -0.53 -0.82 5.05
C ARG A 17 -0.18 -2.16 5.66
N GLU A 18 0.07 -3.05 4.76
CA GLU A 18 0.43 -4.42 5.19
C GLU A 18 1.85 -4.44 5.79
N ARG A 19 2.57 -3.36 5.70
CA ARG A 19 3.96 -3.28 6.26
C ARG A 19 3.82 -2.53 7.59
N MET A 20 3.13 -1.44 7.51
CA MET A 20 2.87 -0.58 8.70
C MET A 20 2.12 -1.29 9.82
N ARG A 21 1.04 -1.93 9.45
CA ARG A 21 0.21 -2.67 10.47
C ARG A 21 1.21 -3.49 11.30
N ARG A 22 2.00 -4.20 10.55
CA ARG A 22 3.07 -5.05 11.19
C ARG A 22 3.99 -4.26 12.16
N ALA A 23 4.84 -3.42 11.63
CA ALA A 23 5.78 -2.60 12.45
C ALA A 23 5.12 -1.84 13.61
N GLU A 24 3.97 -1.29 13.31
CA GLU A 24 3.20 -0.51 14.33
C GLU A 24 1.65 -0.61 14.13
N PRO A 25 1.08 -1.67 14.63
CA PRO A 25 -0.39 -1.87 14.63
C PRO A 25 -1.09 -1.05 15.71
N ALA A 26 -2.39 -1.16 15.67
CA ALA A 26 -3.26 -0.43 16.65
C ALA A 26 -3.14 -1.11 18.02
N GLY A 2 1.30 9.29 -16.37
CA GLY A 2 0.53 10.47 -15.91
C GLY A 2 -0.51 9.94 -14.93
N GLY A 3 -1.30 10.79 -14.33
CA GLY A 3 -2.35 10.34 -13.36
C GLY A 3 -3.22 9.18 -13.86
N LYS A 4 -3.23 8.98 -15.15
CA LYS A 4 -4.06 7.88 -15.72
C LYS A 4 -3.47 6.50 -15.33
N TRP A 5 -2.23 6.51 -14.93
CA TRP A 5 -1.53 5.25 -14.52
C TRP A 5 -1.08 5.32 -13.06
N SER A 6 -1.49 4.35 -12.29
CA SER A 6 -1.11 4.29 -10.84
C SER A 6 -1.18 2.85 -10.29
N LYS A 7 -1.45 1.91 -11.15
CA LYS A 7 -1.56 0.48 -10.72
C LYS A 7 -0.45 0.07 -9.74
N SER A 8 0.76 0.35 -10.09
CA SER A 8 1.92 0.01 -9.22
C SER A 8 1.71 0.56 -7.80
N SER A 9 1.17 1.75 -7.73
CA SER A 9 0.92 2.39 -6.41
C SER A 9 -0.18 1.63 -5.71
N VAL A 10 -1.23 1.55 -6.45
CA VAL A 10 -2.48 0.86 -6.01
C VAL A 10 -2.23 -0.56 -5.51
N ILE A 11 -1.30 -1.21 -6.15
CA ILE A 11 -0.96 -2.61 -5.76
C ILE A 11 0.18 -2.70 -4.77
N GLY A 12 0.96 -1.67 -4.65
CA GLY A 12 2.09 -1.76 -3.66
C GLY A 12 1.61 -1.29 -2.30
N TRP A 13 0.78 -0.30 -2.33
CA TRP A 13 0.20 0.30 -1.07
C TRP A 13 -0.36 -0.81 -0.19
N PRO A 14 -1.28 -1.60 -0.67
CA PRO A 14 -1.79 -2.78 0.08
C PRO A 14 -0.63 -3.56 0.71
N ALA A 15 0.54 -3.51 0.13
CA ALA A 15 1.70 -4.26 0.70
C ALA A 15 2.41 -3.32 1.71
N VAL A 16 2.39 -2.05 1.41
CA VAL A 16 3.03 -1.04 2.32
C VAL A 16 2.18 -1.00 3.57
N ARG A 17 0.90 -0.75 3.43
CA ARG A 17 0.01 -0.69 4.63
C ARG A 17 0.08 -1.98 5.39
N GLU A 18 -0.03 -3.03 4.66
CA GLU A 18 0.03 -4.35 5.32
C GLU A 18 1.39 -4.63 5.95
N ARG A 19 2.35 -3.77 5.71
CA ARG A 19 3.70 -3.99 6.31
C ARG A 19 3.72 -3.04 7.50
N MET A 20 3.36 -1.84 7.21
CA MET A 20 3.32 -0.80 8.26
C MET A 20 2.44 -1.12 9.44
N ARG A 21 1.31 -1.73 9.18
CA ARG A 21 0.39 -2.09 10.31
C ARG A 21 1.26 -2.91 11.26
N ARG A 22 1.74 -4.01 10.76
CA ARG A 22 2.64 -4.92 11.54
C ARG A 22 3.59 -4.15 12.51
N ALA A 23 4.41 -3.30 11.94
CA ALA A 23 5.40 -2.46 12.69
C ALA A 23 4.75 -1.70 13.85
N GLU A 24 4.03 -0.67 13.48
CA GLU A 24 3.33 0.19 14.48
C GLU A 24 1.79 0.13 14.34
N PRO A 25 1.18 -0.96 14.73
CA PRO A 25 -0.29 -1.23 14.59
C PRO A 25 -1.17 -0.41 15.56
N ALA A 26 -0.78 0.82 15.78
CA ALA A 26 -1.53 1.72 16.70
C ALA A 26 -2.83 2.20 16.04
N GLY A 2 -1.93 10.12 -10.94
CA GLY A 2 -2.07 10.38 -9.47
C GLY A 2 -3.33 9.72 -8.91
N GLY A 3 -4.05 9.11 -9.81
CA GLY A 3 -5.33 8.40 -9.46
C GLY A 3 -5.20 6.94 -9.91
N LYS A 4 -6.31 6.33 -10.24
CA LYS A 4 -6.31 4.89 -10.70
C LYS A 4 -5.20 4.53 -11.70
N TRP A 5 -4.89 5.45 -12.59
CA TRP A 5 -3.84 5.20 -13.62
C TRP A 5 -2.49 4.86 -12.94
N SER A 6 -2.31 5.40 -11.76
CA SER A 6 -1.06 5.19 -10.97
C SER A 6 -1.08 3.82 -10.24
N LYS A 7 -1.92 2.97 -10.76
CA LYS A 7 -2.18 1.58 -10.30
C LYS A 7 -1.03 0.88 -9.59
N SER A 8 0.13 0.88 -10.16
CA SER A 8 1.30 0.20 -9.51
C SER A 8 1.37 0.52 -8.01
N SER A 9 1.27 1.79 -7.80
CA SER A 9 1.31 2.39 -6.45
C SER A 9 0.16 1.86 -5.62
N VAL A 10 -0.91 1.85 -6.33
CA VAL A 10 -2.21 1.39 -5.78
C VAL A 10 -2.10 -0.09 -5.39
N ILE A 11 -1.25 -0.79 -6.08
CA ILE A 11 -1.02 -2.25 -5.83
C ILE A 11 0.10 -2.48 -4.82
N GLY A 12 0.99 -1.53 -4.69
CA GLY A 12 2.09 -1.74 -3.69
C GLY A 12 1.64 -1.27 -2.32
N TRP A 13 0.86 -0.22 -2.31
CA TRP A 13 0.36 0.32 -1.00
C TRP A 13 -0.24 -0.80 -0.16
N PRO A 14 -1.24 -1.48 -0.65
CA PRO A 14 -1.84 -2.66 0.03
C PRO A 14 -0.75 -3.60 0.61
N ALA A 15 0.41 -3.61 0.00
CA ALA A 15 1.51 -4.50 0.51
C ALA A 15 2.14 -3.79 1.72
N VAL A 16 2.43 -2.56 1.42
CA VAL A 16 3.05 -1.63 2.39
C VAL A 16 2.22 -1.54 3.65
N ARG A 17 0.94 -1.29 3.51
CA ARG A 17 0.09 -1.20 4.72
C ARG A 17 0.13 -2.52 5.42
N GLU A 18 0.15 -3.53 4.62
CA GLU A 18 0.20 -4.89 5.23
C GLU A 18 1.48 -5.13 6.03
N ARG A 19 2.47 -4.30 5.82
CA ARG A 19 3.75 -4.49 6.56
C ARG A 19 3.75 -3.48 7.70
N MET A 20 3.55 -2.27 7.28
CA MET A 20 3.51 -1.14 8.22
C MET A 20 2.53 -1.30 9.36
N ARG A 21 1.43 -1.97 9.07
CA ARG A 21 0.40 -2.19 10.14
C ARG A 21 1.19 -2.77 11.30
N ARG A 22 1.77 -3.91 11.03
CA ARG A 22 2.62 -4.61 12.06
C ARG A 22 3.51 -3.61 12.88
N ALA A 23 4.40 -2.94 12.18
CA ALA A 23 5.34 -1.94 12.77
C ALA A 23 4.68 -0.95 13.73
N GLU A 24 3.79 -0.18 13.19
CA GLU A 24 3.06 0.84 14.00
C GLU A 24 1.53 0.80 13.77
N PRO A 25 0.87 -0.19 14.35
CA PRO A 25 -0.60 -0.44 14.19
C PRO A 25 -1.48 0.63 14.89
N ALA A 26 -0.93 1.80 15.02
CA ALA A 26 -1.63 2.95 15.66
C ALA A 26 -2.23 3.75 14.51
N GLY A 2 -6.61 8.18 -10.23
CA GLY A 2 -7.85 8.34 -11.04
C GLY A 2 -8.26 7.02 -11.69
N GLY A 3 -7.33 6.11 -11.83
CA GLY A 3 -7.65 4.79 -12.45
C GLY A 3 -6.40 3.94 -12.58
N LYS A 4 -6.56 2.75 -13.12
CA LYS A 4 -5.43 1.77 -13.30
C LYS A 4 -4.09 2.33 -13.82
N TRP A 5 -4.02 3.56 -14.23
CA TRP A 5 -2.73 4.12 -14.74
C TRP A 5 -1.66 4.08 -13.63
N SER A 6 -2.14 4.01 -12.43
CA SER A 6 -1.25 3.94 -11.22
C SER A 6 -1.37 2.58 -10.52
N LYS A 7 -1.86 1.61 -11.25
CA LYS A 7 -2.04 0.23 -10.71
C LYS A 7 -0.89 -0.21 -9.79
N SER A 8 0.30 -0.01 -10.27
CA SER A 8 1.51 -0.41 -9.47
C SER A 8 1.45 0.16 -8.05
N SER A 9 1.11 1.42 -7.99
CA SER A 9 1.02 2.11 -6.68
C SER A 9 -0.04 1.43 -5.84
N VAL A 10 -1.10 1.26 -6.53
CA VAL A 10 -2.30 0.62 -5.94
C VAL A 10 -2.00 -0.77 -5.39
N ILE A 11 -1.06 -1.43 -5.99
CA ILE A 11 -0.66 -2.80 -5.55
C ILE A 11 0.42 -2.78 -4.46
N GLY A 12 1.18 -1.72 -4.39
CA GLY A 12 2.23 -1.67 -3.33
C GLY A 12 1.72 -1.02 -2.06
N TRP A 13 0.77 -0.13 -2.23
CA TRP A 13 0.21 0.56 -1.04
C TRP A 13 -0.31 -0.47 -0.06
N PRO A 14 -1.24 -1.29 -0.48
CA PRO A 14 -1.73 -2.42 0.34
C PRO A 14 -0.54 -3.11 1.02
N ALA A 15 0.54 -3.31 0.29
CA ALA A 15 1.74 -3.98 0.89
C ALA A 15 2.34 -3.10 1.99
N VAL A 16 2.33 -1.84 1.69
CA VAL A 16 2.87 -0.80 2.59
C VAL A 16 2.00 -0.73 3.84
N ARG A 17 0.71 -0.61 3.70
CA ARG A 17 -0.12 -0.57 4.95
C ARG A 17 0.04 -1.90 5.60
N GLU A 18 0.19 -2.87 4.76
CA GLU A 18 0.36 -4.25 5.25
C GLU A 18 1.70 -4.39 5.97
N ARG A 19 2.56 -3.44 5.75
CA ARG A 19 3.90 -3.46 6.40
C ARG A 19 3.89 -2.52 7.61
N MET A 20 3.22 -1.42 7.43
CA MET A 20 3.11 -0.41 8.50
C MET A 20 2.25 -0.93 9.64
N ARG A 21 1.10 -1.42 9.26
CA ARG A 21 0.14 -1.97 10.28
C ARG A 21 1.00 -3.00 10.99
N ARG A 22 1.59 -3.83 10.19
CA ARG A 22 2.48 -4.90 10.75
C ARG A 22 3.52 -4.35 11.77
N ALA A 23 4.48 -3.57 11.34
CA ALA A 23 5.52 -3.00 12.25
C ALA A 23 4.93 -2.26 13.46
N GLU A 24 3.87 -1.56 13.20
CA GLU A 24 3.20 -0.78 14.29
C GLU A 24 1.67 -0.63 14.10
N PRO A 25 0.95 -1.66 14.51
CA PRO A 25 -0.53 -1.67 14.54
C PRO A 25 -1.10 -0.90 15.74
N ALA A 26 -2.40 -0.80 15.74
CA ALA A 26 -3.11 -0.08 16.83
C ALA A 26 -3.07 -0.96 18.10
N GLY A 2 -7.28 3.15 -14.51
CA GLY A 2 -7.01 4.53 -14.00
C GLY A 2 -5.82 5.19 -14.71
N GLY A 3 -4.64 4.70 -14.46
CA GLY A 3 -3.41 5.27 -15.11
C GLY A 3 -2.19 4.53 -14.54
N LYS A 4 -1.12 4.48 -15.29
CA LYS A 4 0.13 3.79 -14.83
C LYS A 4 0.50 4.07 -13.36
N TRP A 5 0.35 5.31 -12.98
CA TRP A 5 0.67 5.75 -11.58
C TRP A 5 -0.20 4.95 -10.59
N SER A 6 -1.40 4.75 -11.02
CA SER A 6 -2.40 4.00 -10.21
C SER A 6 -2.47 2.55 -10.64
N LYS A 7 -1.51 2.13 -11.41
CA LYS A 7 -1.48 0.71 -11.88
C LYS A 7 -0.53 -0.03 -10.94
N SER A 8 0.55 0.64 -10.61
CA SER A 8 1.60 0.11 -9.71
C SER A 8 1.38 0.46 -8.22
N SER A 9 1.41 1.76 -7.99
CA SER A 9 1.21 2.33 -6.63
C SER A 9 0.07 1.65 -5.84
N VAL A 10 -0.96 1.43 -6.60
CA VAL A 10 -2.21 0.79 -6.08
C VAL A 10 -1.99 -0.62 -5.53
N ILE A 11 -0.98 -1.27 -6.01
CA ILE A 11 -0.64 -2.66 -5.56
C ILE A 11 0.37 -2.61 -4.42
N GLY A 12 1.25 -1.65 -4.50
CA GLY A 12 2.26 -1.53 -3.42
C GLY A 12 1.62 -1.06 -2.14
N TRP A 13 0.69 -0.15 -2.26
CA TRP A 13 0.04 0.35 -1.02
C TRP A 13 -0.54 -0.77 -0.16
N PRO A 14 -1.49 -1.53 -0.67
CA PRO A 14 -2.02 -2.69 0.08
C PRO A 14 -0.87 -3.55 0.63
N ALA A 15 0.32 -3.44 0.08
CA ALA A 15 1.45 -4.27 0.62
C ALA A 15 2.19 -3.50 1.73
N VAL A 16 2.17 -2.21 1.52
CA VAL A 16 2.80 -1.23 2.44
C VAL A 16 1.96 -1.11 3.68
N ARG A 17 0.67 -0.94 3.55
CA ARG A 17 -0.17 -0.82 4.77
C ARG A 17 -0.04 -2.13 5.51
N GLU A 18 0.01 -3.13 4.68
CA GLU A 18 0.13 -4.50 5.22
C GLU A 18 1.45 -4.68 5.97
N ARG A 19 2.38 -3.78 5.74
CA ARG A 19 3.71 -3.88 6.42
C ARG A 19 3.76 -2.90 7.58
N MET A 20 3.24 -1.74 7.30
CA MET A 20 3.21 -0.67 8.32
C MET A 20 2.35 -1.04 9.51
N ARG A 21 1.29 -1.77 9.22
CA ARG A 21 0.37 -2.21 10.33
C ARG A 21 1.33 -2.94 11.28
N ARG A 22 1.87 -4.02 10.75
CA ARG A 22 2.85 -4.87 11.51
C ARG A 22 3.80 -4.03 12.41
N ALA A 23 4.58 -3.17 11.80
CA ALA A 23 5.54 -2.28 12.52
C ALA A 23 4.98 -1.58 13.76
N GLU A 24 3.98 -0.79 13.55
CA GLU A 24 3.34 -0.04 14.66
C GLU A 24 1.79 -0.04 14.54
N PRO A 25 1.17 -1.17 14.82
CA PRO A 25 -0.29 -1.43 14.59
C PRO A 25 -1.23 -0.59 15.48
N ALA A 26 -0.66 0.43 16.06
CA ALA A 26 -1.43 1.36 16.95
C ALA A 26 -1.63 2.64 16.15
N GLY A 2 -9.95 10.22 -8.80
CA GLY A 2 -8.90 9.25 -9.24
C GLY A 2 -9.13 7.91 -8.55
N GLY A 3 -8.19 7.02 -8.69
CA GLY A 3 -8.25 5.67 -8.08
C GLY A 3 -7.23 4.81 -8.81
N LYS A 4 -7.65 4.16 -9.87
CA LYS A 4 -6.69 3.32 -10.65
C LYS A 4 -5.84 4.28 -11.49
N TRP A 5 -5.01 5.05 -10.84
CA TRP A 5 -4.15 6.03 -11.58
C TRP A 5 -2.80 5.38 -11.90
N SER A 6 -2.16 5.01 -10.84
CA SER A 6 -0.81 4.36 -10.89
C SER A 6 -0.98 2.93 -10.37
N LYS A 7 -1.50 2.07 -11.21
CA LYS A 7 -1.74 0.63 -10.84
C LYS A 7 -0.70 0.10 -9.85
N SER A 8 0.52 0.08 -10.26
CA SER A 8 1.64 -0.42 -9.39
C SER A 8 1.61 0.19 -7.98
N SER A 9 1.29 1.46 -7.94
CA SER A 9 1.23 2.18 -6.63
C SER A 9 0.07 1.59 -5.85
N VAL A 10 -0.98 1.49 -6.59
CA VAL A 10 -2.25 0.94 -6.05
C VAL A 10 -2.07 -0.49 -5.56
N ILE A 11 -1.14 -1.19 -6.16
CA ILE A 11 -0.86 -2.62 -5.76
C ILE A 11 0.24 -2.73 -4.70
N GLY A 12 1.07 -1.73 -4.59
CA GLY A 12 2.16 -1.82 -3.56
C GLY A 12 1.71 -1.17 -2.24
N TRP A 13 0.85 -0.19 -2.38
CA TRP A 13 0.34 0.51 -1.16
C TRP A 13 -0.23 -0.51 -0.19
N PRO A 14 -1.18 -1.29 -0.62
CA PRO A 14 -1.73 -2.43 0.17
C PRO A 14 -0.61 -3.17 0.88
N ALA A 15 0.49 -3.40 0.20
CA ALA A 15 1.63 -4.13 0.85
C ALA A 15 2.15 -3.28 2.00
N VAL A 16 2.25 -2.04 1.66
CA VAL A 16 2.72 -1.00 2.61
C VAL A 16 1.78 -0.89 3.80
N ARG A 17 0.49 -0.80 3.59
CA ARG A 17 -0.40 -0.70 4.78
C ARG A 17 -0.24 -1.99 5.53
N GLU A 18 -0.05 -2.99 4.74
CA GLU A 18 0.12 -4.34 5.35
C GLU A 18 1.52 -4.47 5.97
N ARG A 19 2.36 -3.49 5.76
CA ARG A 19 3.76 -3.49 6.31
C ARG A 19 3.77 -2.60 7.56
N MET A 20 3.06 -1.53 7.41
CA MET A 20 2.93 -0.52 8.49
C MET A 20 2.19 -1.13 9.66
N ARG A 21 1.10 -1.80 9.34
CA ARG A 21 0.29 -2.44 10.43
C ARG A 21 1.33 -3.23 11.22
N ARG A 22 1.99 -4.13 10.53
CA ARG A 22 3.07 -4.95 11.19
C ARG A 22 4.00 -4.10 12.12
N ALA A 23 4.73 -3.18 11.55
CA ALA A 23 5.66 -2.30 12.34
C ALA A 23 5.07 -1.67 13.59
N GLU A 24 3.87 -1.18 13.43
CA GLU A 24 3.16 -0.53 14.57
C GLU A 24 1.63 -0.63 14.37
N PRO A 25 1.07 -1.77 14.73
CA PRO A 25 -0.36 -2.12 14.50
C PRO A 25 -1.37 -1.36 15.39
N ALA A 26 -1.28 -0.06 15.37
CA ALA A 26 -2.20 0.79 16.19
C ALA A 26 -3.39 1.16 15.29
N GLY A 2 -9.18 4.78 -9.73
CA GLY A 2 -8.25 3.71 -10.23
C GLY A 2 -8.14 3.79 -11.75
N GLY A 3 -6.97 3.57 -12.28
CA GLY A 3 -6.76 3.62 -13.75
C GLY A 3 -5.37 3.02 -14.04
N LYS A 4 -5.07 2.75 -15.28
CA LYS A 4 -3.74 2.15 -15.64
C LYS A 4 -2.57 3.16 -15.56
N TRP A 5 -2.50 3.84 -14.46
CA TRP A 5 -1.43 4.85 -14.20
C TRP A 5 -0.84 4.50 -12.83
N SER A 6 -1.52 4.88 -11.79
CA SER A 6 -1.00 4.56 -10.43
C SER A 6 -1.22 3.09 -10.07
N LYS A 7 -1.56 2.29 -11.03
CA LYS A 7 -1.79 0.84 -10.75
C LYS A 7 -0.67 0.29 -9.84
N SER A 8 0.53 0.64 -10.20
CA SER A 8 1.75 0.23 -9.46
C SER A 8 1.65 0.57 -7.95
N SER A 9 1.18 1.76 -7.66
CA SER A 9 1.08 2.13 -6.23
C SER A 9 -0.11 1.43 -5.62
N VAL A 10 -1.17 1.48 -6.34
CA VAL A 10 -2.45 0.85 -5.89
C VAL A 10 -2.24 -0.60 -5.39
N ILE A 11 -1.32 -1.25 -6.03
CA ILE A 11 -0.98 -2.67 -5.68
C ILE A 11 0.15 -2.78 -4.64
N GLY A 12 0.96 -1.76 -4.54
CA GLY A 12 2.08 -1.80 -3.54
C GLY A 12 1.72 -1.12 -2.22
N TRP A 13 0.73 -0.28 -2.28
CA TRP A 13 0.29 0.43 -1.06
C TRP A 13 -0.24 -0.62 -0.11
N PRO A 14 -1.21 -1.39 -0.52
CA PRO A 14 -1.69 -2.56 0.26
C PRO A 14 -0.49 -3.30 0.86
N ALA A 15 0.55 -3.48 0.10
CA ALA A 15 1.74 -4.21 0.67
C ALA A 15 2.27 -3.42 1.86
N VAL A 16 2.44 -2.19 1.53
CA VAL A 16 2.95 -1.18 2.49
C VAL A 16 2.07 -1.12 3.71
N ARG A 17 0.80 -0.81 3.58
CA ARG A 17 0.00 -0.76 4.82
C ARG A 17 -0.02 -2.11 5.47
N GLU A 18 0.10 -3.12 4.66
CA GLU A 18 0.07 -4.46 5.30
C GLU A 18 1.40 -4.75 6.01
N ARG A 19 2.40 -3.95 5.75
CA ARG A 19 3.75 -4.17 6.39
C ARG A 19 3.89 -3.18 7.55
N MET A 20 3.57 -1.96 7.21
CA MET A 20 3.63 -0.83 8.16
C MET A 20 2.69 -1.04 9.32
N ARG A 21 1.52 -1.56 9.00
CA ARG A 21 0.51 -1.81 10.09
C ARG A 21 1.29 -2.67 11.07
N ARG A 22 1.69 -3.84 10.64
CA ARG A 22 2.49 -4.76 11.54
C ARG A 22 3.48 -3.97 12.45
N ALA A 23 4.41 -3.28 11.83
CA ALA A 23 5.41 -2.46 12.57
C ALA A 23 4.76 -1.54 13.61
N GLU A 24 3.64 -0.99 13.22
CA GLU A 24 2.90 -0.05 14.14
C GLU A 24 1.39 0.04 13.85
N PRO A 25 0.60 -0.88 14.36
CA PRO A 25 -0.88 -0.84 14.30
C PRO A 25 -1.38 0.22 15.30
N ALA A 26 -0.90 1.42 15.08
CA ALA A 26 -1.21 2.62 15.89
C ALA A 26 -0.55 3.84 15.22
N GLY A 2 -7.02 7.69 -14.82
CA GLY A 2 -6.28 7.31 -13.57
C GLY A 2 -6.08 5.80 -13.40
N GLY A 3 -7.10 5.05 -13.72
CA GLY A 3 -7.00 3.56 -13.58
C GLY A 3 -5.76 3.00 -14.29
N LYS A 4 -5.43 3.61 -15.41
CA LYS A 4 -4.24 3.15 -16.20
C LYS A 4 -2.99 3.96 -15.84
N TRP A 5 -3.03 4.48 -14.66
CA TRP A 5 -1.90 5.30 -14.12
C TRP A 5 -1.61 4.77 -12.71
N SER A 6 -2.62 4.90 -11.89
CA SER A 6 -2.57 4.45 -10.47
C SER A 6 -2.71 2.92 -10.42
N LYS A 7 -1.76 2.24 -11.01
CA LYS A 7 -1.79 0.75 -11.04
C LYS A 7 -0.85 0.18 -9.97
N SER A 8 0.38 -0.09 -10.32
CA SER A 8 1.38 -0.64 -9.35
C SER A 8 1.33 0.11 -8.02
N SER A 9 0.99 1.36 -8.09
CA SER A 9 0.92 2.20 -6.85
C SER A 9 -0.12 1.59 -5.93
N VAL A 10 -1.20 1.32 -6.58
CA VAL A 10 -2.38 0.71 -5.91
C VAL A 10 -2.07 -0.71 -5.43
N ILE A 11 -1.03 -1.29 -5.98
CA ILE A 11 -0.63 -2.69 -5.59
C ILE A 11 0.39 -2.66 -4.45
N GLY A 12 1.23 -1.68 -4.50
CA GLY A 12 2.26 -1.56 -3.44
C GLY A 12 1.73 -0.87 -2.21
N TRP A 13 0.75 -0.02 -2.36
CA TRP A 13 0.21 0.68 -1.15
C TRP A 13 -0.31 -0.34 -0.15
N PRO A 14 -1.30 -1.12 -0.55
CA PRO A 14 -1.80 -2.26 0.26
C PRO A 14 -0.61 -2.99 0.87
N ALA A 15 0.44 -3.21 0.09
CA ALA A 15 1.63 -3.93 0.64
C ALA A 15 2.26 -3.15 1.79
N VAL A 16 2.35 -1.89 1.50
CA VAL A 16 2.93 -0.89 2.43
C VAL A 16 2.12 -0.86 3.70
N ARG A 17 0.84 -0.63 3.62
CA ARG A 17 0.08 -0.62 4.90
C ARG A 17 0.13 -1.99 5.47
N GLU A 18 0.20 -2.94 4.58
CA GLU A 18 0.26 -4.33 5.07
C GLU A 18 1.59 -4.60 5.79
N ARG A 19 2.54 -3.71 5.63
CA ARG A 19 3.86 -3.91 6.31
C ARG A 19 3.84 -3.01 7.54
N MET A 20 3.48 -1.78 7.30
CA MET A 20 3.42 -0.81 8.43
C MET A 20 2.47 -1.20 9.54
N ARG A 21 1.35 -1.77 9.16
CA ARG A 21 0.34 -2.20 10.20
C ARG A 21 1.15 -3.04 11.19
N ARG A 22 1.67 -4.10 10.65
CA ARG A 22 2.53 -5.05 11.46
C ARG A 22 3.46 -4.29 12.46
N ALA A 23 4.37 -3.52 11.92
CA ALA A 23 5.34 -2.72 12.72
C ALA A 23 4.72 -1.91 13.86
N GLU A 24 3.84 -1.02 13.48
CA GLU A 24 3.14 -0.14 14.45
C GLU A 24 1.61 -0.07 14.21
N PRO A 25 0.89 -1.10 14.59
CA PRO A 25 -0.57 -1.24 14.35
C PRO A 25 -1.46 -0.32 15.22
N ALA A 26 -0.98 0.87 15.47
CA ALA A 26 -1.73 1.86 16.29
C ALA A 26 -2.82 2.50 15.41
N GLY A 2 -6.83 8.45 -9.52
CA GLY A 2 -5.48 8.18 -10.14
C GLY A 2 -5.60 7.39 -11.45
N GLY A 3 -6.47 6.42 -11.45
CA GLY A 3 -6.70 5.55 -12.66
C GLY A 3 -5.42 5.10 -13.33
N LYS A 4 -4.98 5.84 -14.32
CA LYS A 4 -3.72 5.48 -15.04
C LYS A 4 -2.55 5.48 -14.07
N TRP A 5 -2.54 6.45 -13.21
CA TRP A 5 -1.42 6.53 -12.22
C TRP A 5 -1.62 5.40 -11.20
N SER A 6 -2.85 5.06 -10.94
CA SER A 6 -3.17 3.97 -9.97
C SER A 6 -2.95 2.61 -10.64
N LYS A 7 -1.82 2.45 -11.30
CA LYS A 7 -1.52 1.16 -11.99
C LYS A 7 -0.56 0.30 -11.16
N SER A 8 0.57 0.86 -10.81
CA SER A 8 1.58 0.12 -10.01
C SER A 8 1.42 0.28 -8.49
N SER A 9 1.65 1.49 -8.07
CA SER A 9 1.55 1.85 -6.63
C SER A 9 0.27 1.40 -5.96
N VAL A 10 -0.74 1.29 -6.77
CA VAL A 10 -2.07 0.87 -6.22
C VAL A 10 -1.96 -0.53 -5.63
N ILE A 11 -1.03 -1.28 -6.17
CA ILE A 11 -0.79 -2.68 -5.71
C ILE A 11 0.29 -2.74 -4.64
N GLY A 12 1.03 -1.67 -4.50
CA GLY A 12 2.09 -1.69 -3.46
C GLY A 12 1.54 -1.14 -2.15
N TRP A 13 0.73 -0.13 -2.26
CA TRP A 13 0.12 0.52 -1.04
C TRP A 13 -0.49 -0.55 -0.16
N PRO A 14 -1.40 -1.34 -0.67
CA PRO A 14 -1.98 -2.49 0.06
C PRO A 14 -0.84 -3.19 0.80
N ALA A 15 0.29 -3.35 0.17
CA ALA A 15 1.42 -4.04 0.86
C ALA A 15 2.06 -3.11 1.90
N VAL A 16 2.09 -1.83 1.61
CA VAL A 16 2.68 -0.83 2.53
C VAL A 16 1.84 -0.82 3.78
N ARG A 17 0.55 -0.73 3.61
CA ARG A 17 -0.34 -0.73 4.81
C ARG A 17 -0.15 -2.05 5.51
N GLU A 18 -0.25 -3.06 4.69
CA GLU A 18 -0.09 -4.45 5.21
C GLU A 18 1.29 -4.63 5.84
N ARG A 19 2.18 -3.69 5.64
CA ARG A 19 3.55 -3.82 6.23
C ARG A 19 3.53 -2.96 7.48
N MET A 20 3.00 -1.78 7.34
CA MET A 20 2.93 -0.84 8.50
C MET A 20 2.21 -1.38 9.73
N ARG A 21 1.31 -2.31 9.51
CA ARG A 21 0.57 -2.89 10.69
C ARG A 21 1.70 -3.46 11.54
N ARG A 22 2.38 -4.43 10.98
CA ARG A 22 3.54 -5.07 11.70
C ARG A 22 4.33 -4.03 12.55
N ALA A 23 4.86 -3.04 11.88
CA ALA A 23 5.64 -1.95 12.51
C ALA A 23 4.94 -1.27 13.69
N GLU A 24 3.84 -0.63 13.40
CA GLU A 24 3.06 0.08 14.45
C GLU A 24 1.56 -0.34 14.49
N PRO A 25 1.30 -1.56 14.92
CA PRO A 25 -0.03 -2.24 14.84
C PRO A 25 -1.09 -1.62 15.78
N ALA A 26 -0.75 -0.47 16.29
CA ALA A 26 -1.64 0.29 17.20
C ALA A 26 -2.40 1.28 16.34
N GLY A 2 0.95 10.48 -16.44
CA GLY A 2 0.74 9.76 -15.14
C GLY A 2 0.15 10.73 -14.13
N GLY A 3 -1.13 10.60 -13.86
CA GLY A 3 -1.79 11.50 -12.88
C GLY A 3 -2.76 10.74 -11.98
N LYS A 4 -4.04 10.84 -12.27
CA LYS A 4 -5.06 10.13 -11.44
C LYS A 4 -5.07 8.61 -11.74
N TRP A 5 -3.91 7.99 -11.73
CA TRP A 5 -3.80 6.54 -12.01
C TRP A 5 -2.34 6.14 -11.80
N SER A 6 -2.16 5.16 -10.97
CA SER A 6 -0.80 4.65 -10.64
C SER A 6 -0.99 3.19 -10.19
N LYS A 7 -1.49 2.39 -11.10
CA LYS A 7 -1.75 0.93 -10.82
C LYS A 7 -0.71 0.32 -9.86
N SER A 8 0.52 0.30 -10.28
CA SER A 8 1.61 -0.27 -9.43
C SER A 8 1.55 0.29 -7.99
N SER A 9 1.23 1.56 -7.88
CA SER A 9 1.17 2.18 -6.54
C SER A 9 0.01 1.58 -5.78
N VAL A 10 -1.02 1.45 -6.54
CA VAL A 10 -2.29 0.87 -6.01
C VAL A 10 -2.01 -0.57 -5.54
N ILE A 11 -1.01 -1.17 -6.13
CA ILE A 11 -0.63 -2.58 -5.76
C ILE A 11 0.41 -2.60 -4.63
N GLY A 12 1.24 -1.60 -4.56
CA GLY A 12 2.26 -1.62 -3.46
C GLY A 12 1.71 -1.04 -2.16
N TRP A 13 0.78 -0.14 -2.29
CA TRP A 13 0.19 0.49 -1.06
C TRP A 13 -0.39 -0.59 -0.16
N PRO A 14 -1.33 -1.36 -0.65
CA PRO A 14 -1.89 -2.51 0.10
C PRO A 14 -0.75 -3.30 0.77
N ALA A 15 0.38 -3.40 0.12
CA ALA A 15 1.52 -4.16 0.75
C ALA A 15 2.09 -3.34 1.92
N VAL A 16 2.24 -2.09 1.60
CA VAL A 16 2.77 -1.07 2.54
C VAL A 16 1.90 -0.98 3.77
N ARG A 17 0.61 -0.88 3.61
CA ARG A 17 -0.25 -0.78 4.81
C ARG A 17 -0.14 -2.11 5.51
N GLU A 18 -0.04 -3.10 4.67
CA GLU A 18 0.07 -4.46 5.26
C GLU A 18 1.43 -4.63 5.96
N ARG A 19 2.33 -3.70 5.74
CA ARG A 19 3.68 -3.80 6.38
C ARG A 19 3.73 -2.86 7.58
N MET A 20 3.17 -1.71 7.36
CA MET A 20 3.13 -0.68 8.42
C MET A 20 2.32 -1.13 9.60
N ARG A 21 1.23 -1.81 9.33
CA ARG A 21 0.38 -2.29 10.46
C ARG A 21 1.38 -3.07 11.32
N ARG A 22 1.93 -4.10 10.74
CA ARG A 22 2.95 -4.92 11.47
C ARG A 22 3.91 -4.04 12.32
N ALA A 23 4.70 -3.23 11.67
CA ALA A 23 5.65 -2.33 12.38
C ALA A 23 5.02 -1.51 13.52
N GLU A 24 3.84 -1.02 13.26
CA GLU A 24 3.12 -0.19 14.27
C GLU A 24 1.60 -0.27 14.00
N PRO A 25 0.95 -1.29 14.50
CA PRO A 25 -0.51 -1.53 14.31
C PRO A 25 -1.33 -0.50 15.10
N ALA A 26 -1.23 0.69 14.56
CA ALA A 26 -1.90 1.91 15.08
C ALA A 26 -1.58 3.03 14.09
N GLY A 2 -6.40 13.73 -16.15
CA GLY A 2 -5.43 13.53 -15.02
C GLY A 2 -5.95 12.38 -14.16
N GLY A 3 -5.78 12.49 -12.87
CA GLY A 3 -6.26 11.41 -11.95
C GLY A 3 -5.39 10.14 -11.95
N LYS A 4 -5.02 9.69 -13.12
CA LYS A 4 -4.17 8.45 -13.27
C LYS A 4 -2.73 8.51 -12.68
N TRP A 5 -2.61 8.83 -11.42
CA TRP A 5 -1.27 8.91 -10.77
C TRP A 5 -0.98 7.66 -9.92
N SER A 6 -1.94 6.78 -9.81
CA SER A 6 -1.69 5.55 -9.00
C SER A 6 -2.27 4.30 -9.67
N LYS A 7 -1.52 3.83 -10.61
CA LYS A 7 -1.90 2.61 -11.39
C LYS A 7 -1.11 1.44 -10.81
N SER A 8 0.11 1.72 -10.42
CA SER A 8 0.99 0.67 -9.83
C SER A 8 1.11 0.90 -8.30
N SER A 9 1.29 2.13 -7.90
CA SER A 9 1.41 2.46 -6.43
C SER A 9 0.31 1.74 -5.64
N VAL A 10 -0.84 1.90 -6.22
CA VAL A 10 -2.11 1.32 -5.69
C VAL A 10 -1.99 -0.18 -5.37
N ILE A 11 -1.11 -0.84 -6.06
CA ILE A 11 -0.88 -2.31 -5.88
C ILE A 11 0.25 -2.60 -4.90
N GLY A 12 1.10 -1.64 -4.67
CA GLY A 12 2.22 -1.90 -3.70
C GLY A 12 1.76 -1.47 -2.32
N TRP A 13 0.99 -0.41 -2.31
CA TRP A 13 0.45 0.14 -1.05
C TRP A 13 -0.14 -0.98 -0.21
N PRO A 14 -1.10 -1.70 -0.71
CA PRO A 14 -1.69 -2.89 -0.03
C PRO A 14 -0.60 -3.73 0.62
N ALA A 15 0.56 -3.83 0.00
CA ALA A 15 1.63 -4.67 0.65
C ALA A 15 2.19 -3.93 1.86
N VAL A 16 2.40 -2.69 1.57
CA VAL A 16 2.94 -1.73 2.54
C VAL A 16 2.03 -1.59 3.75
N ARG A 17 0.77 -1.33 3.53
CA ARG A 17 -0.14 -1.19 4.70
C ARG A 17 -0.13 -2.48 5.48
N GLU A 18 -0.07 -3.52 4.71
CA GLU A 18 -0.07 -4.85 5.39
C GLU A 18 1.24 -5.13 6.11
N ARG A 19 2.19 -4.26 5.92
CA ARG A 19 3.51 -4.43 6.59
C ARG A 19 3.45 -3.47 7.76
N MET A 20 3.33 -2.23 7.38
CA MET A 20 3.24 -1.09 8.33
C MET A 20 2.31 -1.31 9.49
N ARG A 21 1.22 -2.00 9.24
CA ARG A 21 0.24 -2.25 10.36
C ARG A 21 1.10 -2.82 11.50
N ARG A 22 1.88 -3.80 11.16
CA ARG A 22 2.80 -4.43 12.18
C ARG A 22 3.71 -3.36 12.85
N ALA A 23 4.72 -2.91 12.14
CA ALA A 23 5.68 -1.87 12.61
C ALA A 23 5.04 -0.75 13.46
N GLU A 24 3.92 -0.29 12.98
CA GLU A 24 3.17 0.80 13.68
C GLU A 24 1.66 0.81 13.36
N PRO A 25 0.88 0.01 14.06
CA PRO A 25 -0.60 -0.14 13.85
C PRO A 25 -1.41 1.09 14.31
N ALA A 26 -1.13 2.16 13.64
CA ALA A 26 -1.80 3.47 13.91
C ALA A 26 -2.61 3.87 12.67
N GLY A 2 -9.64 2.28 -10.22
CA GLY A 2 -9.10 3.66 -10.00
C GLY A 2 -8.69 4.24 -11.35
N GLY A 3 -7.42 4.48 -11.53
CA GLY A 3 -6.93 5.05 -12.83
C GLY A 3 -5.57 4.46 -13.18
N LYS A 4 -5.47 3.93 -14.36
CA LYS A 4 -4.19 3.30 -14.86
C LYS A 4 -2.89 4.07 -14.50
N TRP A 5 -3.03 5.36 -14.41
CA TRP A 5 -1.89 6.28 -14.11
C TRP A 5 -1.20 6.01 -12.76
N SER A 6 -1.94 5.44 -11.86
CA SER A 6 -1.40 5.13 -10.50
C SER A 6 -1.45 3.66 -10.08
N LYS A 7 -2.02 2.87 -10.94
CA LYS A 7 -2.20 1.40 -10.69
C LYS A 7 -1.05 0.71 -9.91
N SER A 8 0.11 0.69 -10.49
CA SER A 8 1.30 0.03 -9.82
C SER A 8 1.44 0.38 -8.31
N SER A 9 1.25 1.63 -7.99
CA SER A 9 1.39 2.03 -6.56
C SER A 9 0.20 1.57 -5.75
N VAL A 10 -0.90 1.63 -6.42
CA VAL A 10 -2.20 1.22 -5.81
C VAL A 10 -2.08 -0.26 -5.41
N ILE A 11 -1.26 -0.94 -6.15
CA ILE A 11 -1.02 -2.40 -5.91
C ILE A 11 0.09 -2.65 -4.89
N GLY A 12 0.93 -1.67 -4.65
CA GLY A 12 2.01 -1.90 -3.65
C GLY A 12 1.61 -1.38 -2.28
N TRP A 13 0.87 -0.31 -2.30
CA TRP A 13 0.38 0.35 -1.04
C TRP A 13 -0.28 -0.69 -0.16
N PRO A 14 -1.25 -1.41 -0.65
CA PRO A 14 -1.82 -2.57 0.09
C PRO A 14 -0.68 -3.33 0.77
N ALA A 15 0.39 -3.58 0.03
CA ALA A 15 1.53 -4.34 0.66
C ALA A 15 2.25 -3.46 1.70
N VAL A 16 2.35 -2.19 1.41
CA VAL A 16 3.04 -1.26 2.35
C VAL A 16 2.21 -1.20 3.62
N ARG A 17 0.94 -0.96 3.50
CA ARG A 17 0.04 -0.90 4.69
C ARG A 17 0.19 -2.19 5.44
N GLU A 18 0.06 -3.21 4.65
CA GLU A 18 0.17 -4.59 5.21
C GLU A 18 1.53 -4.81 5.92
N ARG A 19 2.45 -3.89 5.74
CA ARG A 19 3.79 -4.00 6.38
C ARG A 19 3.76 -3.05 7.58
N MET A 20 3.36 -1.85 7.29
CA MET A 20 3.26 -0.78 8.32
C MET A 20 2.43 -1.17 9.54
N ARG A 21 1.29 -1.75 9.27
CA ARG A 21 0.35 -2.18 10.37
C ARG A 21 1.25 -2.91 11.37
N ARG A 22 1.88 -3.95 10.90
CA ARG A 22 2.82 -4.74 11.78
C ARG A 22 3.70 -3.81 12.66
N ALA A 23 4.57 -3.06 12.03
CA ALA A 23 5.49 -2.10 12.70
C ALA A 23 4.84 -1.38 13.90
N GLU A 24 3.70 -0.83 13.63
CA GLU A 24 2.93 -0.10 14.69
C GLU A 24 1.40 -0.04 14.40
N PRO A 25 0.68 -1.08 14.75
CA PRO A 25 -0.78 -1.24 14.43
C PRO A 25 -1.69 -0.34 15.29
N ALA A 26 -1.24 0.85 15.54
CA ALA A 26 -2.00 1.84 16.36
C ALA A 26 -2.72 2.77 15.38
N GLY A 2 -4.61 8.08 -18.95
CA GLY A 2 -4.77 7.82 -17.49
C GLY A 2 -4.66 6.31 -17.29
N GLY A 3 -4.03 5.89 -16.23
CA GLY A 3 -3.88 4.43 -15.97
C GLY A 3 -2.67 4.12 -15.11
N LYS A 4 -1.52 4.10 -15.72
CA LYS A 4 -0.23 3.80 -14.99
C LYS A 4 -0.08 4.44 -13.61
N TRP A 5 -0.69 5.58 -13.44
CA TRP A 5 -0.62 6.32 -12.14
C TRP A 5 -1.16 5.43 -11.02
N SER A 6 -2.12 4.64 -11.40
CA SER A 6 -2.78 3.72 -10.46
C SER A 6 -2.56 2.27 -10.88
N LYS A 7 -1.48 1.99 -11.56
CA LYS A 7 -1.24 0.56 -11.98
C LYS A 7 -0.25 -0.10 -11.04
N SER A 8 0.77 0.63 -10.66
CA SER A 8 1.80 0.07 -9.74
C SER A 8 1.48 0.31 -8.26
N SER A 9 1.57 1.57 -7.92
CA SER A 9 1.31 2.03 -6.52
C SER A 9 0.10 1.39 -5.85
N VAL A 10 -0.90 1.26 -6.67
CA VAL A 10 -2.19 0.66 -6.21
C VAL A 10 -2.00 -0.74 -5.62
N ILE A 11 -1.02 -1.42 -6.13
CA ILE A 11 -0.72 -2.81 -5.64
C ILE A 11 0.37 -2.82 -4.57
N GLY A 12 1.04 -1.72 -4.38
CA GLY A 12 2.10 -1.72 -3.32
C GLY A 12 1.53 -1.19 -2.02
N TRP A 13 0.67 -0.22 -2.15
CA TRP A 13 0.03 0.42 -0.95
C TRP A 13 -0.54 -0.67 -0.05
N PRO A 14 -1.40 -1.52 -0.58
CA PRO A 14 -1.92 -2.69 0.19
C PRO A 14 -0.76 -3.31 0.97
N ALA A 15 0.41 -3.38 0.38
CA ALA A 15 1.57 -3.98 1.11
C ALA A 15 2.14 -2.97 2.11
N VAL A 16 2.15 -1.71 1.74
CA VAL A 16 2.70 -0.65 2.63
C VAL A 16 1.85 -0.63 3.90
N ARG A 17 0.58 -0.76 3.71
CA ARG A 17 -0.35 -0.77 4.88
C ARG A 17 -0.08 -2.07 5.59
N GLU A 18 -0.10 -3.10 4.80
CA GLU A 18 0.15 -4.45 5.39
C GLU A 18 1.56 -4.49 6.01
N ARG A 19 2.38 -3.51 5.72
CA ARG A 19 3.78 -3.48 6.29
C ARG A 19 3.79 -2.53 7.49
N MET A 20 3.08 -1.46 7.35
CA MET A 20 3.01 -0.46 8.44
C MET A 20 2.23 -0.95 9.64
N ARG A 21 1.16 -1.65 9.33
CA ARG A 21 0.32 -2.20 10.44
C ARG A 21 1.33 -3.10 11.14
N ARG A 22 1.87 -4.00 10.37
CA ARG A 22 2.91 -4.94 10.95
C ARG A 22 3.91 -4.21 11.89
N ALA A 23 4.68 -3.29 11.36
CA ALA A 23 5.67 -2.53 12.18
C ALA A 23 5.10 -1.86 13.43
N GLU A 24 3.94 -1.29 13.28
CA GLU A 24 3.29 -0.61 14.44
C GLU A 24 1.75 -0.72 14.40
N PRO A 25 1.24 -1.86 14.79
CA PRO A 25 -0.22 -2.16 14.76
C PRO A 25 -1.02 -1.40 15.82
N ALA A 26 -0.33 -0.55 16.53
CA ALA A 26 -0.97 0.28 17.59
C ALA A 26 -0.96 1.72 17.06
N GLY A 2 -5.72 11.47 -13.00
CA GLY A 2 -5.14 10.11 -12.76
C GLY A 2 -6.31 9.20 -12.40
N GLY A 3 -6.06 8.03 -11.87
CA GLY A 3 -7.20 7.14 -11.51
C GLY A 3 -6.83 5.69 -11.72
N LYS A 4 -7.81 4.91 -12.11
CA LYS A 4 -7.64 3.44 -12.36
C LYS A 4 -6.37 2.99 -13.12
N TRP A 5 -5.61 3.91 -13.64
CA TRP A 5 -4.36 3.57 -14.39
C TRP A 5 -3.18 3.46 -13.41
N SER A 6 -3.21 4.26 -12.38
CA SER A 6 -2.13 4.30 -11.32
C SER A 6 -1.91 3.00 -10.53
N LYS A 7 -2.48 1.92 -10.99
CA LYS A 7 -2.36 0.58 -10.33
C LYS A 7 -0.96 0.28 -9.81
N SER A 8 0.03 0.57 -10.63
CA SER A 8 1.44 0.32 -10.23
C SER A 8 1.78 0.88 -8.85
N SER A 9 0.99 1.80 -8.37
CA SER A 9 1.25 2.39 -7.02
C SER A 9 0.14 1.97 -6.05
N VAL A 10 -0.92 1.47 -6.61
CA VAL A 10 -2.10 1.02 -5.80
C VAL A 10 -1.96 -0.43 -5.37
N ILE A 11 -1.17 -1.17 -6.10
CA ILE A 11 -0.99 -2.62 -5.74
C ILE A 11 0.14 -2.79 -4.73
N GLY A 12 0.92 -1.75 -4.55
CA GLY A 12 2.03 -1.85 -3.56
C GLY A 12 1.56 -1.35 -2.21
N TRP A 13 0.73 -0.34 -2.22
CA TRP A 13 0.20 0.26 -0.94
C TRP A 13 -0.40 -0.85 -0.05
N PRO A 14 -1.34 -1.63 -0.54
CA PRO A 14 -1.86 -2.84 0.17
C PRO A 14 -0.72 -3.67 0.77
N ALA A 15 0.46 -3.54 0.21
CA ALA A 15 1.62 -4.31 0.77
C ALA A 15 2.28 -3.40 1.83
N VAL A 16 2.35 -2.13 1.53
CA VAL A 16 2.96 -1.13 2.46
C VAL A 16 2.15 -1.06 3.75
N ARG A 17 0.87 -0.93 3.63
CA ARG A 17 -0.01 -0.86 4.83
C ARG A 17 0.14 -2.15 5.59
N GLU A 18 0.10 -3.18 4.82
CA GLU A 18 0.25 -4.54 5.42
C GLU A 18 1.62 -4.71 6.10
N ARG A 19 2.52 -3.80 5.84
CA ARG A 19 3.88 -3.93 6.47
C ARG A 19 3.93 -2.97 7.65
N MET A 20 3.50 -1.78 7.35
CA MET A 20 3.47 -0.72 8.37
C MET A 20 2.54 -0.98 9.52
N ARG A 21 1.40 -1.53 9.21
CA ARG A 21 0.41 -1.83 10.30
C ARG A 21 1.21 -2.73 11.24
N ARG A 22 1.65 -3.83 10.69
CA ARG A 22 2.49 -4.80 11.49
C ARG A 22 3.47 -4.11 12.48
N ALA A 23 4.36 -3.29 11.95
CA ALA A 23 5.36 -2.54 12.76
C ALA A 23 4.77 -1.75 13.94
N GLU A 24 3.82 -0.92 13.61
CA GLU A 24 3.14 -0.07 14.63
C GLU A 24 1.60 -0.16 14.51
N PRO A 25 1.03 -1.27 14.91
CA PRO A 25 -0.42 -1.60 14.76
C PRO A 25 -1.29 -0.87 15.81
N ALA A 26 -1.04 0.40 15.95
CA ALA A 26 -1.79 1.23 16.94
C ALA A 26 -3.26 1.40 16.55
N GLY A 2 3.93 2.22 -15.52
CA GLY A 2 3.30 3.42 -16.12
C GLY A 2 1.82 3.36 -15.77
N GLY A 3 1.00 4.16 -16.42
CA GLY A 3 -0.46 4.16 -16.13
C GLY A 3 -0.99 5.59 -16.09
N LYS A 4 -2.08 5.77 -15.39
CA LYS A 4 -2.70 7.13 -15.27
C LYS A 4 -2.28 7.72 -13.92
N TRP A 5 -2.52 6.99 -12.86
CA TRP A 5 -2.16 7.48 -11.49
C TRP A 5 -2.09 6.23 -10.62
N SER A 6 -3.20 5.84 -10.06
CA SER A 6 -3.28 4.63 -9.19
C SER A 6 -3.23 3.37 -10.08
N LYS A 7 -2.16 3.20 -10.79
CA LYS A 7 -2.03 2.00 -11.68
C LYS A 7 -1.16 0.90 -11.05
N SER A 8 0.08 1.21 -10.82
CA SER A 8 1.01 0.20 -10.22
C SER A 8 1.12 0.40 -8.70
N SER A 9 1.43 1.60 -8.29
CA SER A 9 1.57 1.93 -6.84
C SER A 9 0.38 1.49 -6.01
N VAL A 10 -0.74 1.56 -6.66
CA VAL A 10 -2.03 1.17 -6.00
C VAL A 10 -1.96 -0.29 -5.52
N ILE A 11 -1.13 -1.03 -6.17
CA ILE A 11 -0.93 -2.47 -5.85
C ILE A 11 0.17 -2.70 -4.81
N GLY A 12 0.97 -1.69 -4.56
CA GLY A 12 2.06 -1.86 -3.55
C GLY A 12 1.59 -1.32 -2.21
N TRP A 13 0.86 -0.24 -2.28
CA TRP A 13 0.33 0.43 -1.02
C TRP A 13 -0.29 -0.65 -0.14
N PRO A 14 -1.21 -1.42 -0.64
CA PRO A 14 -1.77 -2.59 0.08
C PRO A 14 -0.62 -3.31 0.82
N ALA A 15 0.46 -3.58 0.13
CA ALA A 15 1.60 -4.28 0.82
C ALA A 15 2.22 -3.38 1.90
N VAL A 16 2.30 -2.10 1.60
CA VAL A 16 2.89 -1.12 2.54
C VAL A 16 2.01 -1.10 3.78
N ARG A 17 0.75 -0.92 3.59
CA ARG A 17 -0.19 -0.90 4.75
C ARG A 17 -0.04 -2.19 5.50
N GLU A 18 -0.10 -3.21 4.72
CA GLU A 18 0.02 -4.58 5.29
C GLU A 18 1.37 -4.75 6.03
N ARG A 19 2.31 -3.86 5.82
CA ARG A 19 3.62 -3.98 6.53
C ARG A 19 3.66 -3.01 7.69
N MET A 20 3.16 -1.84 7.42
CA MET A 20 3.10 -0.76 8.43
C MET A 20 2.36 -1.23 9.67
N ARG A 21 1.29 -1.95 9.45
CA ARG A 21 0.47 -2.50 10.57
C ARG A 21 1.51 -3.14 11.51
N ARG A 22 2.07 -4.22 11.03
CA ARG A 22 3.13 -4.95 11.81
C ARG A 22 4.01 -4.01 12.68
N ALA A 23 4.66 -3.08 12.04
CA ALA A 23 5.55 -2.08 12.70
C ALA A 23 4.85 -1.30 13.83
N GLU A 24 3.76 -0.69 13.44
CA GLU A 24 2.94 0.12 14.37
C GLU A 24 1.43 -0.11 14.05
N PRO A 25 0.86 -1.18 14.56
CA PRO A 25 -0.54 -1.61 14.27
C PRO A 25 -1.64 -0.72 14.91
N ALA A 26 -1.63 0.51 14.46
CA ALA A 26 -2.62 1.54 14.94
C ALA A 26 -3.73 1.72 13.88
N GLY A 2 -7.55 8.56 -11.44
CA GLY A 2 -6.52 7.99 -12.35
C GLY A 2 -6.38 6.51 -12.06
N GLY A 3 -5.56 6.18 -11.10
CA GLY A 3 -5.35 4.74 -10.73
C GLY A 3 -4.42 4.11 -11.76
N LYS A 4 -4.90 4.10 -12.98
CA LYS A 4 -4.14 3.52 -14.14
C LYS A 4 -2.65 3.84 -14.08
N TRP A 5 -2.37 5.10 -14.26
CA TRP A 5 -0.95 5.61 -14.25
C TRP A 5 -0.33 5.55 -12.85
N SER A 6 -0.89 4.75 -12.00
CA SER A 6 -0.38 4.59 -10.61
C SER A 6 -0.63 3.14 -10.17
N LYS A 7 -0.97 2.33 -11.13
CA LYS A 7 -1.27 0.88 -10.88
C LYS A 7 -0.30 0.28 -9.85
N SER A 8 0.96 0.44 -10.12
CA SER A 8 2.01 -0.10 -9.21
C SER A 8 1.79 0.36 -7.77
N SER A 9 1.45 1.61 -7.65
CA SER A 9 1.22 2.22 -6.31
C SER A 9 -0.02 1.64 -5.68
N VAL A 10 -0.97 1.50 -6.53
CA VAL A 10 -2.29 0.94 -6.14
C VAL A 10 -2.12 -0.47 -5.56
N ILE A 11 -1.16 -1.14 -6.11
CA ILE A 11 -0.85 -2.54 -5.67
C ILE A 11 0.19 -2.59 -4.53
N GLY A 12 1.09 -1.65 -4.53
CA GLY A 12 2.12 -1.66 -3.45
C GLY A 12 1.54 -1.16 -2.14
N TRP A 13 0.64 -0.22 -2.24
CA TRP A 13 0.02 0.34 -1.01
C TRP A 13 -0.61 -0.74 -0.13
N PRO A 14 -1.56 -1.47 -0.65
CA PRO A 14 -2.15 -2.62 0.09
C PRO A 14 -1.03 -3.49 0.67
N ALA A 15 0.16 -3.44 0.12
CA ALA A 15 1.26 -4.28 0.69
C ALA A 15 1.99 -3.47 1.77
N VAL A 16 2.12 -2.20 1.48
CA VAL A 16 2.80 -1.22 2.37
C VAL A 16 2.02 -1.04 3.67
N ARG A 17 0.74 -0.86 3.54
CA ARG A 17 -0.11 -0.68 4.75
C ARG A 17 0.00 -1.99 5.48
N GLU A 18 0.00 -3.00 4.66
CA GLU A 18 0.10 -4.38 5.23
C GLU A 18 1.52 -4.64 5.77
N ARG A 19 2.40 -3.70 5.62
CA ARG A 19 3.79 -3.86 6.12
C ARG A 19 3.74 -3.06 7.42
N MET A 20 3.53 -1.80 7.21
CA MET A 20 3.45 -0.81 8.31
C MET A 20 2.57 -1.26 9.45
N ARG A 21 1.48 -1.92 9.14
CA ARG A 21 0.58 -2.38 10.25
C ARG A 21 1.48 -3.13 11.24
N ARG A 22 2.17 -4.13 10.77
CA ARG A 22 3.11 -4.89 11.69
C ARG A 22 3.92 -3.91 12.61
N ALA A 23 4.76 -3.10 11.99
CA ALA A 23 5.61 -2.09 12.67
C ALA A 23 4.84 -1.24 13.68
N GLU A 24 3.67 -0.84 13.28
CA GLU A 24 2.79 0.01 14.14
C GLU A 24 1.27 -0.16 13.85
N PRO A 25 0.69 -1.16 14.46
CA PRO A 25 -0.77 -1.42 14.41
C PRO A 25 -1.53 -0.55 15.43
N ALA A 26 -2.82 -0.76 15.44
CA ALA A 26 -3.73 0.00 16.35
C ALA A 26 -3.58 -0.51 17.80
N GLY A 2 -10.06 3.06 -11.05
CA GLY A 2 -8.88 3.60 -10.31
C GLY A 2 -8.19 4.73 -11.09
N GLY A 3 -7.61 4.40 -12.21
CA GLY A 3 -6.91 5.42 -13.04
C GLY A 3 -5.68 4.81 -13.73
N LYS A 4 -5.54 5.09 -15.00
CA LYS A 4 -4.39 4.57 -15.82
C LYS A 4 -3.01 4.58 -15.11
N TRP A 5 -2.67 5.70 -14.56
CA TRP A 5 -1.35 5.82 -13.85
C TRP A 5 -1.33 5.27 -12.41
N SER A 6 -2.40 4.65 -11.98
CA SER A 6 -2.45 4.11 -10.59
C SER A 6 -2.51 2.58 -10.47
N LYS A 7 -1.49 1.94 -10.97
CA LYS A 7 -1.43 0.45 -10.92
C LYS A 7 -0.49 0.14 -9.73
N SER A 8 0.77 0.28 -9.99
CA SER A 8 1.85 0.03 -8.99
C SER A 8 1.61 0.72 -7.64
N SER A 9 1.19 1.95 -7.66
CA SER A 9 0.97 2.65 -6.35
C SER A 9 -0.26 2.11 -5.66
N VAL A 10 -1.06 1.45 -6.43
CA VAL A 10 -2.32 0.87 -5.90
C VAL A 10 -2.10 -0.58 -5.47
N ILE A 11 -1.22 -1.23 -6.16
CA ILE A 11 -0.93 -2.67 -5.82
C ILE A 11 0.18 -2.77 -4.80
N GLY A 12 0.98 -1.75 -4.70
CA GLY A 12 2.07 -1.85 -3.68
C GLY A 12 1.56 -1.36 -2.34
N TRP A 13 0.75 -0.33 -2.38
CA TRP A 13 0.18 0.27 -1.11
C TRP A 13 -0.37 -0.83 -0.20
N PRO A 14 -1.28 -1.64 -0.66
CA PRO A 14 -1.78 -2.80 0.11
C PRO A 14 -0.58 -3.48 0.78
N ALA A 15 0.50 -3.64 0.07
CA ALA A 15 1.68 -4.31 0.70
C ALA A 15 2.31 -3.37 1.74
N VAL A 16 2.36 -2.09 1.42
CA VAL A 16 2.95 -1.09 2.35
C VAL A 16 2.10 -1.06 3.62
N ARG A 17 0.82 -0.86 3.49
CA ARG A 17 -0.06 -0.84 4.69
C ARG A 17 0.06 -2.15 5.42
N GLU A 18 0.01 -3.18 4.63
CA GLU A 18 0.13 -4.54 5.22
C GLU A 18 1.48 -4.74 5.91
N ARG A 19 2.41 -3.84 5.70
CA ARG A 19 3.75 -3.99 6.35
C ARG A 19 3.76 -3.06 7.56
N MET A 20 3.40 -1.85 7.28
CA MET A 20 3.33 -0.82 8.35
C MET A 20 2.42 -1.12 9.52
N ARG A 21 1.28 -1.68 9.21
CA ARG A 21 0.27 -2.03 10.28
C ARG A 21 1.09 -2.87 11.27
N ARG A 22 1.67 -3.91 10.73
CA ARG A 22 2.52 -4.83 11.58
C ARG A 22 3.49 -4.03 12.50
N ALA A 23 4.43 -3.33 11.90
CA ALA A 23 5.44 -2.50 12.63
C ALA A 23 4.84 -1.61 13.72
N GLU A 24 4.08 -0.64 13.28
CA GLU A 24 3.42 0.32 14.21
C GLU A 24 1.89 0.37 13.97
N PRO A 25 1.18 -0.57 14.55
CA PRO A 25 -0.31 -0.62 14.55
C PRO A 25 -0.96 0.40 15.53
N ALA A 26 -2.24 0.25 15.76
CA ALA A 26 -2.99 1.16 16.68
C ALA A 26 -2.60 1.00 18.17
N GLY A 2 -4.89 -1.81 -19.93
CA GLY A 2 -3.91 -1.61 -18.82
C GLY A 2 -4.69 -1.33 -17.53
N GLY A 3 -4.35 -0.28 -16.84
CA GLY A 3 -5.06 0.06 -15.57
C GLY A 3 -4.97 1.56 -15.34
N LYS A 4 -5.81 2.04 -14.45
CA LYS A 4 -5.91 3.50 -14.08
C LYS A 4 -4.69 4.38 -14.39
N TRP A 5 -3.71 4.35 -13.53
CA TRP A 5 -2.48 5.18 -13.75
C TRP A 5 -1.49 4.61 -12.75
N SER A 6 -1.63 5.02 -11.52
CA SER A 6 -0.75 4.56 -10.41
C SER A 6 -1.03 3.08 -10.04
N LYS A 7 -1.41 2.29 -11.01
CA LYS A 7 -1.72 0.84 -10.80
C LYS A 7 -0.70 0.17 -9.85
N SER A 8 0.55 0.23 -10.21
CA SER A 8 1.60 -0.40 -9.36
C SER A 8 1.53 0.18 -7.93
N SER A 9 1.22 1.44 -7.85
CA SER A 9 1.13 2.09 -6.51
C SER A 9 -0.02 1.47 -5.75
N VAL A 10 -1.07 1.35 -6.50
CA VAL A 10 -2.32 0.77 -5.96
C VAL A 10 -2.10 -0.66 -5.44
N ILE A 11 -1.15 -1.31 -6.05
CA ILE A 11 -0.81 -2.73 -5.64
C ILE A 11 0.25 -2.79 -4.54
N GLY A 12 1.05 -1.78 -4.43
CA GLY A 12 2.11 -1.81 -3.36
C GLY A 12 1.63 -1.12 -2.09
N TRP A 13 0.73 -0.19 -2.24
CA TRP A 13 0.21 0.53 -1.05
C TRP A 13 -0.36 -0.50 -0.11
N PRO A 14 -1.32 -1.28 -0.52
CA PRO A 14 -1.83 -2.42 0.28
C PRO A 14 -0.64 -3.10 0.98
N ALA A 15 0.40 -3.38 0.26
CA ALA A 15 1.60 -4.05 0.88
C ALA A 15 2.26 -3.15 1.95
N VAL A 16 2.30 -1.90 1.63
CA VAL A 16 2.90 -0.86 2.52
C VAL A 16 2.05 -0.75 3.78
N ARG A 17 0.77 -0.70 3.61
CA ARG A 17 -0.13 -0.60 4.79
C ARG A 17 0.01 -1.91 5.48
N GLU A 18 0.15 -2.90 4.65
CA GLU A 18 0.31 -4.27 5.22
C GLU A 18 1.69 -4.45 5.85
N ARG A 19 2.55 -3.48 5.68
CA ARG A 19 3.92 -3.59 6.28
C ARG A 19 3.93 -2.73 7.54
N MET A 20 3.39 -1.57 7.34
CA MET A 20 3.30 -0.58 8.43
C MET A 20 2.34 -1.06 9.52
N ARG A 21 1.26 -1.66 9.10
CA ARG A 21 0.28 -2.16 10.12
C ARG A 21 1.12 -3.11 10.97
N ARG A 22 1.80 -4.02 10.32
CA ARG A 22 2.67 -4.97 11.11
C ARG A 22 3.58 -4.23 12.13
N ALA A 23 4.54 -3.47 11.65
CA ALA A 23 5.48 -2.69 12.52
C ALA A 23 4.82 -1.92 13.67
N GLU A 24 3.76 -1.26 13.33
CA GLU A 24 3.02 -0.46 14.35
C GLU A 24 1.54 -0.37 13.92
N PRO A 25 0.75 -1.36 14.28
CA PRO A 25 -0.71 -1.44 13.96
C PRO A 25 -1.52 -0.37 14.73
N ALA A 26 -1.23 0.83 14.33
CA ALA A 26 -1.84 2.06 14.89
C ALA A 26 -1.35 3.22 14.01
N GLY A 2 -11.09 9.27 -13.87
CA GLY A 2 -9.67 8.80 -13.93
C GLY A 2 -9.67 7.42 -14.57
N GLY A 3 -8.58 6.73 -14.42
CA GLY A 3 -8.45 5.36 -15.01
C GLY A 3 -7.41 4.66 -14.13
N LYS A 4 -7.53 3.38 -13.95
CA LYS A 4 -6.55 2.64 -13.09
C LYS A 4 -5.14 2.51 -13.72
N TRP A 5 -4.48 3.62 -13.96
CA TRP A 5 -3.11 3.55 -14.57
C TRP A 5 -2.03 3.37 -13.50
N SER A 6 -2.18 4.01 -12.38
CA SER A 6 -1.16 3.88 -11.29
C SER A 6 -1.18 2.51 -10.56
N LYS A 7 -1.46 1.47 -11.30
CA LYS A 7 -1.53 0.08 -10.72
C LYS A 7 -0.47 -0.23 -9.66
N SER A 8 0.77 -0.10 -9.99
CA SER A 8 1.89 -0.37 -9.04
C SER A 8 1.70 0.37 -7.72
N SER A 9 1.14 1.55 -7.82
CA SER A 9 0.92 2.36 -6.58
C SER A 9 -0.19 1.68 -5.79
N VAL A 10 -1.19 1.39 -6.55
CA VAL A 10 -2.41 0.72 -6.03
C VAL A 10 -2.14 -0.68 -5.45
N ILE A 11 -1.20 -1.34 -6.03
CA ILE A 11 -0.83 -2.73 -5.58
C ILE A 11 0.28 -2.70 -4.52
N GLY A 12 1.06 -1.66 -4.52
CA GLY A 12 2.15 -1.58 -3.49
C GLY A 12 1.64 -0.95 -2.21
N TRP A 13 0.67 -0.07 -2.34
CA TRP A 13 0.13 0.60 -1.11
C TRP A 13 -0.35 -0.46 -0.13
N PRO A 14 -1.28 -1.28 -0.54
CA PRO A 14 -1.75 -2.44 0.27
C PRO A 14 -0.54 -3.15 0.87
N ALA A 15 0.52 -3.34 0.11
CA ALA A 15 1.72 -4.04 0.69
C ALA A 15 2.28 -3.22 1.85
N VAL A 16 2.33 -1.96 1.54
CA VAL A 16 2.84 -0.92 2.46
C VAL A 16 2.02 -0.92 3.73
N ARG A 17 0.73 -0.77 3.60
CA ARG A 17 -0.12 -0.75 4.82
C ARG A 17 -0.02 -2.09 5.47
N GLU A 18 0.11 -3.05 4.62
CA GLU A 18 0.22 -4.42 5.17
C GLU A 18 1.57 -4.64 5.84
N ARG A 19 2.48 -3.71 5.69
CA ARG A 19 3.82 -3.86 6.32
C ARG A 19 3.76 -2.97 7.57
N MET A 20 3.37 -1.76 7.33
CA MET A 20 3.25 -0.77 8.43
C MET A 20 2.31 -1.21 9.54
N ARG A 21 1.18 -1.73 9.17
CA ARG A 21 0.18 -2.19 10.22
C ARG A 21 0.97 -3.04 11.21
N ARG A 22 1.73 -3.94 10.65
CA ARG A 22 2.60 -4.85 11.50
C ARG A 22 3.57 -4.04 12.39
N ALA A 23 4.62 -3.49 11.81
CA ALA A 23 5.63 -2.67 12.56
C ALA A 23 5.00 -1.75 13.59
N GLU A 24 3.96 -1.09 13.14
CA GLU A 24 3.21 -0.14 14.00
C GLU A 24 1.72 -0.07 13.61
N PRO A 25 0.88 -0.89 14.21
CA PRO A 25 -0.60 -0.82 14.05
C PRO A 25 -1.16 0.42 14.77
N ALA A 26 -0.74 1.52 14.20
CA ALA A 26 -1.08 2.90 14.65
C ALA A 26 -0.35 3.86 13.69
#